data_4LX5
#
_entry.id   4LX5
#
_cell.length_a   49.050
_cell.length_b   149.710
_cell.length_c   24.400
_cell.angle_alpha   90.00
_cell.angle_beta   90.00
_cell.angle_gamma   90.00
#
_symmetry.space_group_name_H-M   'P 21 21 2'
#
loop_
_entity.id
_entity.type
_entity.pdbx_description
1 polymer 'Mutated adenine riboswitch aptamer'
2 non-polymer pyrimido[4,5-d]pyrimidine-2,4-diamine
3 non-polymer 'MAGNESIUM ION'
4 water water
#
_entity_poly.entity_id   1
_entity_poly.type   'polyribonucleotide'
_entity_poly.pdbx_seq_one_letter_code
;GGCUUCAUAUAAUCCGAAUGAUAUGGUUUCGGAGCUUCCACCAAGAGCCUUAAACUCUUGAUUAUGAAGUC
;
_entity_poly.pdbx_strand_id   A
#